data_8YFI
#
_entry.id   8YFI
#
_cell.length_a   66.263
_cell.length_b   66.263
_cell.length_c   199.250
_cell.angle_alpha   90.00
_cell.angle_beta   90.00
_cell.angle_gamma   120.00
#
_symmetry.space_group_name_H-M   'P 61 2 2'
#
loop_
_entity.id
_entity.type
_entity.pdbx_description
1 polymer 'Activating signal cointegrator 1'
2 polymer "DNA (5'-D(*TP*GP*AP*GP*GP*TP*AP*CP*CP*TP*CP*A)-3')"
3 water water
#
loop_
_entity_poly.entity_id
_entity_poly.type
_entity_poly.pdbx_seq_one_letter_code
_entity_poly.pdbx_strand_id
1 'polypeptide(L)'
;SWCLSVHQPWASLLVRGIKRVEGRSWYTPHRGRLWIAATAKKPSPQEVSELQATYRLLRGKDVEFPNDYPSGCLLGCVDL
IDCLSQKQFKEQFPDISQESDSPFVFICKNPQEMVVKFPIKGNPKIWKLDSKIHQGAKKGLMKQNKAV
;
A
2 'polydeoxyribonucleotide' (DT)(DG)(DA)(DG)(DG)(DT)(DA)(DC)(DC)(DT)(DC)(DA) B
#
# COMPACT_ATOMS: atom_id res chain seq x y z
N SER A 1 1.75 14.48 -4.94
CA SER A 1 2.70 14.06 -5.97
C SER A 1 3.61 12.88 -5.56
N TRP A 2 3.75 12.64 -4.27
CA TRP A 2 4.71 11.65 -3.80
C TRP A 2 4.12 10.24 -3.81
N CYS A 3 4.98 9.27 -4.04
CA CYS A 3 4.57 7.90 -4.31
C CYS A 3 5.49 6.92 -3.60
N LEU A 4 4.95 5.75 -3.29
CA LEU A 4 5.69 4.64 -2.69
C LEU A 4 5.48 3.39 -3.53
N SER A 5 6.57 2.70 -3.85
CA SER A 5 6.49 1.43 -4.55
C SER A 5 6.37 0.30 -3.54
N VAL A 6 5.47 -0.64 -3.79
CA VAL A 6 5.18 -1.75 -2.88
C VAL A 6 5.01 -3.02 -3.71
N HIS A 7 5.59 -4.12 -3.23
CA HIS A 7 5.43 -5.40 -3.90
C HIS A 7 3.96 -5.84 -3.83
N GLN A 8 3.48 -6.39 -4.95
CA GLN A 8 2.24 -7.14 -4.93
C GLN A 8 2.45 -8.46 -4.18
N PRO A 9 1.39 -9.02 -3.57
CA PRO A 9 0.00 -8.53 -3.56
C PRO A 9 -0.25 -7.45 -2.50
N TRP A 10 0.77 -7.12 -1.71
CA TRP A 10 0.55 -6.17 -0.62
C TRP A 10 0.12 -4.81 -1.16
N ALA A 11 0.66 -4.42 -2.32
CA ALA A 11 0.37 -3.12 -2.90
C ALA A 11 -1.14 -2.92 -3.14
N SER A 12 -1.78 -3.89 -3.81
CA SER A 12 -3.23 -3.75 -4.01
C SER A 12 -4.00 -3.89 -2.71
N LEU A 13 -3.52 -4.71 -1.78
CA LEU A 13 -4.22 -4.82 -0.50
C LEU A 13 -4.21 -3.49 0.23
N LEU A 14 -3.16 -2.70 0.04
CA LEU A 14 -3.07 -1.38 0.67
C LEU A 14 -4.14 -0.43 0.13
N VAL A 15 -4.26 -0.34 -1.20
CA VAL A 15 -5.23 0.61 -1.76
C VAL A 15 -6.66 0.12 -1.63
N ARG A 16 -6.85 -1.18 -1.34
CA ARG A 16 -8.15 -1.73 -0.98
C ARG A 16 -8.52 -1.52 0.49
N GLY A 17 -7.57 -1.12 1.33
CA GLY A 17 -7.86 -1.03 2.74
C GLY A 17 -7.82 -2.35 3.48
N ILE A 18 -7.43 -3.43 2.82
CA ILE A 18 -7.31 -4.73 3.50
C ILE A 18 -6.05 -4.77 4.34
N LYS A 19 -4.94 -4.31 3.78
CA LYS A 19 -3.71 -4.07 4.51
C LYS A 19 -3.73 -2.63 4.98
N ARG A 20 -3.47 -2.41 6.27
CA ARG A 20 -3.64 -1.09 6.87
C ARG A 20 -2.35 -0.37 7.19
N VAL A 21 -1.21 -1.08 7.21
CA VAL A 21 0.08 -0.47 7.50
C VAL A 21 1.09 -1.04 6.52
N GLU A 22 2.18 -0.30 6.35
CA GLU A 22 3.29 -0.77 5.53
C GLU A 22 4.56 -0.47 6.29
N GLY A 23 5.42 -1.48 6.45
CA GLY A 23 6.63 -1.31 7.24
C GLY A 23 7.84 -1.07 6.36
N ARG A 24 8.76 -0.26 6.87
CA ARG A 24 10.03 0.01 6.19
C ARG A 24 11.14 0.17 7.22
N SER A 25 12.38 0.12 6.75
CA SER A 25 13.52 0.30 7.62
C SER A 25 13.83 1.77 7.88
N TRP A 26 13.13 2.67 7.21
CA TRP A 26 13.45 4.08 7.24
C TRP A 26 12.22 4.89 7.59
N TYR A 27 12.46 6.04 8.19
CA TYR A 27 11.42 6.98 8.59
C TYR A 27 11.17 7.98 7.47
N THR A 28 9.92 8.45 7.37
CA THR A 28 9.63 9.57 6.51
C THR A 28 8.81 10.60 7.26
N PRO A 29 9.14 11.89 7.10
CA PRO A 29 8.30 12.95 7.66
C PRO A 29 7.08 13.25 6.81
N HIS A 30 6.99 12.65 5.62
CA HIS A 30 5.84 12.87 4.77
C HIS A 30 4.55 12.51 5.51
N ARG A 31 3.55 13.37 5.38
CA ARG A 31 2.20 13.13 5.85
C ARG A 31 1.24 13.52 4.74
N GLY A 32 0.05 12.93 4.75
CA GLY A 32 -0.94 13.22 3.75
C GLY A 32 -0.94 12.21 2.62
N ARG A 33 -1.44 12.65 1.47
CA ARG A 33 -1.66 11.72 0.37
C ARG A 33 -0.35 11.09 -0.07
N LEU A 34 -0.36 9.76 -0.21
CA LEU A 34 0.80 9.01 -0.67
C LEU A 34 0.31 8.03 -1.72
N TRP A 35 0.73 8.25 -2.97
CA TRP A 35 0.33 7.34 -4.03
C TRP A 35 1.03 6.01 -3.83
N ILE A 36 0.40 4.94 -4.31
CA ILE A 36 0.92 3.59 -4.16
C ILE A 36 1.09 2.99 -5.55
N ALA A 37 2.32 2.59 -5.87
CA ALA A 37 2.64 1.90 -7.10
C ALA A 37 3.07 0.47 -6.78
N ALA A 38 2.64 -0.47 -7.61
CA ALA A 38 3.18 -1.81 -7.54
C ALA A 38 4.57 -1.83 -8.15
N THR A 39 5.50 -2.56 -7.51
CA THR A 39 6.78 -2.82 -8.12
C THR A 39 6.62 -3.75 -9.32
N ALA A 40 7.74 -4.01 -9.98
CA ALA A 40 7.74 -4.89 -11.13
C ALA A 40 7.77 -6.36 -10.75
N LYS A 41 7.94 -6.70 -9.48
CA LYS A 41 8.11 -8.09 -9.06
C LYS A 41 6.75 -8.80 -9.03
N LYS A 42 6.57 -9.75 -9.93
CA LYS A 42 5.31 -10.50 -10.01
C LYS A 42 5.25 -11.54 -8.91
N PRO A 43 4.19 -11.56 -8.09
CA PRO A 43 4.09 -12.60 -7.07
C PRO A 43 3.60 -13.90 -7.69
N SER A 44 4.12 -15.03 -7.19
CA SER A 44 3.63 -16.31 -7.65
C SER A 44 2.16 -16.49 -7.27
N PRO A 45 1.39 -17.25 -8.04
CA PRO A 45 0.00 -17.52 -7.63
C PRO A 45 -0.09 -18.14 -6.25
N GLN A 46 0.93 -18.90 -5.84
CA GLN A 46 0.94 -19.51 -4.51
C GLN A 46 1.02 -18.45 -3.42
N GLU A 47 1.92 -17.46 -3.60
CA GLU A 47 2.00 -16.33 -2.69
C GLU A 47 0.66 -15.63 -2.53
N VAL A 48 -0.02 -15.39 -3.65
CA VAL A 48 -1.28 -14.66 -3.60
C VAL A 48 -2.33 -15.43 -2.80
N SER A 49 -2.48 -16.73 -3.11
CA SER A 49 -3.51 -17.51 -2.40
C SER A 49 -3.22 -17.61 -0.91
N GLU A 50 -1.94 -17.86 -0.55
CA GLU A 50 -1.56 -17.93 0.86
C GLU A 50 -1.78 -16.61 1.59
N LEU A 51 -1.45 -15.49 0.93
CA LEU A 51 -1.66 -14.21 1.59
C LEU A 51 -3.14 -13.88 1.69
N GLN A 52 -3.94 -14.30 0.71
CA GLN A 52 -5.39 -14.09 0.79
C GLN A 52 -5.98 -14.90 1.93
N ALA A 53 -5.55 -16.16 2.09
CA ALA A 53 -6.07 -16.97 3.19
C ALA A 53 -5.75 -16.32 4.52
N THR A 54 -4.53 -15.82 4.69
CA THR A 54 -4.16 -15.16 5.93
C THR A 54 -5.02 -13.94 6.18
N TYR A 55 -5.17 -13.07 5.17
CA TYR A 55 -5.99 -11.88 5.39
C TYR A 55 -7.46 -12.24 5.59
N ARG A 56 -7.92 -13.36 5.03
CA ARG A 56 -9.26 -13.81 5.37
C ARG A 56 -9.38 -14.08 6.86
N LEU A 57 -8.35 -14.66 7.47
CA LEU A 57 -8.47 -14.95 8.90
C LEU A 57 -8.31 -13.69 9.75
N LEU A 58 -7.54 -12.71 9.28
CA LEU A 58 -7.38 -11.48 10.06
C LEU A 58 -8.58 -10.54 9.91
N ARG A 59 -9.25 -10.53 8.75
CA ARG A 59 -10.33 -9.58 8.48
C ARG A 59 -11.72 -10.19 8.32
N GLY A 60 -11.83 -11.50 8.09
CA GLY A 60 -13.14 -12.09 7.88
C GLY A 60 -13.22 -12.90 6.60
N LYS A 61 -13.98 -13.99 6.66
CA LYS A 61 -14.05 -14.93 5.54
C LYS A 61 -14.58 -14.29 4.27
N ASP A 62 -15.35 -13.20 4.38
CA ASP A 62 -16.01 -12.60 3.23
C ASP A 62 -15.30 -11.34 2.72
N VAL A 63 -14.01 -11.18 3.02
CA VAL A 63 -13.28 -10.01 2.56
C VAL A 63 -13.15 -10.05 1.04
N GLU A 64 -13.34 -8.90 0.41
CA GLU A 64 -13.39 -8.81 -1.05
C GLU A 64 -12.02 -8.41 -1.58
N PHE A 65 -11.29 -9.40 -2.11
CA PHE A 65 -9.97 -9.17 -2.68
C PHE A 65 -10.06 -8.65 -4.10
N PRO A 66 -9.02 -8.00 -4.60
CA PRO A 66 -8.99 -7.66 -6.03
C PRO A 66 -8.87 -8.90 -6.89
N ASN A 67 -9.46 -8.83 -8.08
CA ASN A 67 -9.41 -9.97 -8.99
C ASN A 67 -7.99 -10.22 -9.48
N ASP A 68 -7.16 -9.18 -9.51
CA ASP A 68 -5.82 -9.26 -10.06
C ASP A 68 -4.90 -8.36 -9.24
N TYR A 69 -3.61 -8.67 -9.26
CA TYR A 69 -2.59 -7.88 -8.58
C TYR A 69 -1.57 -7.43 -9.62
N PRO A 70 -1.90 -6.42 -10.42
CA PRO A 70 -1.00 -6.04 -11.51
C PRO A 70 0.29 -5.44 -10.99
N SER A 71 1.38 -5.72 -11.71
CA SER A 71 2.70 -5.23 -11.34
C SER A 71 3.05 -4.00 -12.19
N GLY A 72 4.02 -3.23 -11.69
CA GLY A 72 4.58 -2.13 -12.46
C GLY A 72 3.59 -1.06 -12.85
N CYS A 73 2.63 -0.73 -11.98
CA CYS A 73 1.65 0.26 -12.34
C CYS A 73 1.18 1.02 -11.12
N LEU A 74 0.65 2.21 -11.36
CA LEU A 74 0.10 3.05 -10.31
C LEU A 74 -1.31 2.58 -9.96
N LEU A 75 -1.53 2.25 -8.69
CA LEU A 75 -2.73 1.58 -8.21
C LEU A 75 -3.76 2.52 -7.58
N GLY A 76 -3.30 3.54 -6.86
CA GLY A 76 -4.20 4.35 -6.06
C GLY A 76 -3.36 5.14 -5.07
N CYS A 77 -4.01 5.54 -3.98
CA CYS A 77 -3.31 6.29 -2.96
C CYS A 77 -3.91 5.99 -1.58
N VAL A 78 -3.15 6.37 -0.54
CA VAL A 78 -3.61 6.40 0.83
C VAL A 78 -3.28 7.76 1.41
N ASP A 79 -3.81 8.02 2.59
CA ASP A 79 -3.37 9.13 3.42
C ASP A 79 -2.40 8.56 4.44
N LEU A 80 -1.13 8.99 4.36
CA LEU A 80 -0.13 8.61 5.35
C LEU A 80 -0.32 9.54 6.54
N ILE A 81 -1.00 9.04 7.57
CA ILE A 81 -1.30 9.89 8.71
C ILE A 81 -0.23 9.83 9.79
N ASP A 82 0.60 8.78 9.81
CA ASP A 82 1.72 8.78 10.74
C ASP A 82 2.79 7.81 10.26
N CYS A 83 3.99 7.99 10.81
CA CYS A 83 5.11 7.08 10.58
C CYS A 83 5.69 6.75 11.95
N LEU A 84 5.34 5.58 12.47
CA LEU A 84 5.59 5.25 13.86
C LEU A 84 6.79 4.33 13.96
N SER A 85 7.59 4.54 15.00
CA SER A 85 8.51 3.51 15.40
C SER A 85 7.74 2.24 15.75
N GLN A 86 8.46 1.12 15.72
CA GLN A 86 7.89 -0.14 16.15
C GLN A 86 7.38 -0.05 17.59
N LYS A 87 8.14 0.62 18.47
CA LYS A 87 7.68 0.83 19.84
C LYS A 87 6.41 1.65 19.87
N GLN A 88 6.36 2.75 19.10
CA GLN A 88 5.15 3.55 19.04
C GLN A 88 4.00 2.77 18.45
N PHE A 89 4.28 1.96 17.42
CA PHE A 89 3.23 1.17 16.76
C PHE A 89 2.53 0.24 17.75
N LYS A 90 3.31 -0.48 18.56
CA LYS A 90 2.72 -1.37 19.55
C LYS A 90 1.87 -0.59 20.56
N GLU A 91 2.32 0.61 20.93
CA GLU A 91 1.62 1.41 21.93
C GLU A 91 0.30 1.91 21.39
N GLN A 92 0.29 2.37 20.13
CA GLN A 92 -0.89 3.06 19.61
C GLN A 92 -1.88 2.13 18.90
N PHE A 93 -1.40 1.05 18.29
CA PHE A 93 -2.27 0.16 17.51
C PHE A 93 -2.14 -1.28 18.01
N PRO A 94 -2.51 -1.54 19.27
CA PRO A 94 -2.37 -2.90 19.80
C PRO A 94 -3.12 -3.94 19.00
N ASP A 95 -4.23 -3.56 18.37
CA ASP A 95 -5.04 -4.56 17.68
C ASP A 95 -4.48 -4.99 16.33
N ILE A 96 -3.49 -4.27 15.79
CA ILE A 96 -2.94 -4.63 14.49
C ILE A 96 -1.41 -4.59 14.54
N SER A 97 -0.84 -4.35 15.72
CA SER A 97 0.62 -4.22 15.80
C SER A 97 1.32 -5.48 15.31
N GLN A 98 0.67 -6.63 15.44
CA GLN A 98 1.27 -7.85 14.92
C GLN A 98 1.41 -7.85 13.41
N GLU A 99 0.81 -6.88 12.72
CA GLU A 99 0.81 -6.88 11.27
C GLU A 99 2.04 -6.21 10.66
N SER A 100 2.96 -5.68 11.48
CA SER A 100 4.25 -5.24 10.97
C SER A 100 5.28 -5.24 12.10
N ASP A 101 6.42 -5.88 11.85
CA ASP A 101 7.54 -5.80 12.78
C ASP A 101 8.68 -4.95 12.26
N SER A 102 8.42 -4.06 11.30
CA SER A 102 9.47 -3.24 10.70
C SER A 102 9.90 -2.12 11.66
N PRO A 103 11.13 -1.61 11.49
CA PRO A 103 11.56 -0.48 12.34
C PRO A 103 10.64 0.73 12.26
N PHE A 104 10.08 1.02 11.08
CA PHE A 104 9.10 2.09 10.98
C PHE A 104 7.85 1.59 10.25
N VAL A 105 6.69 2.02 10.75
CA VAL A 105 5.39 1.51 10.33
C VAL A 105 4.57 2.67 9.81
N PHE A 106 4.24 2.63 8.52
CA PHE A 106 3.48 3.69 7.87
C PHE A 106 1.99 3.45 8.11
N ILE A 107 1.31 4.37 8.79
CA ILE A 107 -0.10 4.18 9.12
C ILE A 107 -0.93 4.83 8.03
N CYS A 108 -1.76 4.05 7.36
CA CYS A 108 -2.47 4.47 6.17
C CYS A 108 -3.96 4.51 6.42
N LYS A 109 -4.62 5.54 5.88
CA LYS A 109 -6.05 5.74 6.02
C LYS A 109 -6.61 6.17 4.67
N ASN A 110 -7.94 6.15 4.55
CA ASN A 110 -8.65 6.61 3.37
C ASN A 110 -8.08 6.08 2.06
N PRO A 111 -7.93 4.77 1.91
CA PRO A 111 -7.40 4.23 0.65
C PRO A 111 -8.37 4.50 -0.49
N GLN A 112 -7.81 4.82 -1.66
CA GLN A 112 -8.58 4.93 -2.89
C GLN A 112 -7.87 4.13 -3.96
N GLU A 113 -8.62 3.34 -4.72
CA GLU A 113 -8.06 2.54 -5.80
C GLU A 113 -8.46 3.14 -7.14
N MET A 114 -7.47 3.40 -7.99
CA MET A 114 -7.74 3.88 -9.33
C MET A 114 -8.46 2.83 -10.16
N VAL A 115 -9.48 3.26 -10.92
CA VAL A 115 -10.17 2.28 -11.77
C VAL A 115 -9.32 1.91 -12.99
N VAL A 116 -8.61 2.87 -13.56
CA VAL A 116 -7.65 2.60 -14.62
C VAL A 116 -6.24 2.80 -14.04
N LYS A 117 -5.46 1.73 -14.05
CA LYS A 117 -4.12 1.74 -13.48
C LYS A 117 -3.11 1.99 -14.59
N PHE A 118 -2.10 2.81 -14.31
CA PHE A 118 -1.18 3.20 -15.36
C PHE A 118 0.19 2.60 -15.13
N PRO A 119 0.83 2.08 -16.18
CA PRO A 119 2.19 1.57 -16.04
C PRO A 119 3.14 2.68 -15.58
N ILE A 120 4.11 2.29 -14.74
CA ILE A 120 5.01 3.24 -14.12
C ILE A 120 6.28 2.49 -13.75
N LYS A 121 7.41 3.22 -13.67
CA LYS A 121 8.68 2.67 -13.20
C LYS A 121 8.99 3.32 -11.84
N GLY A 122 9.13 2.51 -10.80
CA GLY A 122 9.27 3.03 -9.46
C GLY A 122 10.72 3.43 -9.10
N ASN A 123 10.89 3.85 -7.85
CA ASN A 123 12.18 4.17 -7.25
C ASN A 123 12.12 3.74 -5.80
N PRO A 124 13.27 3.65 -5.12
CA PRO A 124 13.25 3.42 -3.68
C PRO A 124 12.63 4.60 -2.93
N LYS A 125 12.22 4.32 -1.70
CA LYS A 125 11.74 5.31 -0.73
C LYS A 125 10.57 6.08 -1.36
N ILE A 126 10.37 7.32 -0.93
CA ILE A 126 9.30 8.16 -1.48
C ILE A 126 9.85 8.91 -2.68
N TRP A 127 9.16 8.81 -3.80
CA TRP A 127 9.57 9.47 -5.02
C TRP A 127 8.40 10.22 -5.62
N LYS A 128 8.70 11.10 -6.55
CA LYS A 128 7.72 12.02 -7.09
C LYS A 128 7.21 11.49 -8.42
N LEU A 129 5.88 11.42 -8.55
CA LEU A 129 5.25 11.09 -9.82
C LEU A 129 5.54 12.13 -10.87
N ASP A 130 5.76 11.68 -12.10
CA ASP A 130 5.71 12.59 -13.24
C ASP A 130 4.36 13.30 -13.30
N SER A 131 4.40 14.56 -13.76
CA SER A 131 3.20 15.41 -13.71
C SER A 131 2.08 14.87 -14.57
N LYS A 132 2.41 14.26 -15.72
CA LYS A 132 1.35 13.77 -16.60
C LYS A 132 0.62 12.60 -15.96
N ILE A 133 1.38 11.66 -15.38
CA ILE A 133 0.80 10.53 -14.65
C ILE A 133 -0.04 11.04 -13.49
N HIS A 134 0.52 11.96 -12.72
CA HIS A 134 -0.19 12.52 -11.57
C HIS A 134 -1.53 13.12 -11.99
N GLN A 135 -1.53 13.90 -13.08
CA GLN A 135 -2.75 14.52 -13.55
C GLN A 135 -3.82 13.47 -13.88
N GLY A 136 -3.45 12.46 -14.68
CA GLY A 136 -4.41 11.42 -15.03
C GLY A 136 -4.86 10.61 -13.83
N ALA A 137 -3.96 10.37 -12.88
CA ALA A 137 -4.32 9.62 -11.69
C ALA A 137 -5.38 10.35 -10.86
N LYS A 138 -5.26 11.68 -10.76
CA LYS A 138 -6.24 12.45 -9.99
C LYS A 138 -7.60 12.41 -10.64
N LYS A 139 -7.65 12.55 -11.97
CA LYS A 139 -8.90 12.43 -12.71
C LYS A 139 -9.55 11.07 -12.44
N GLY A 140 -8.77 10.00 -12.57
CA GLY A 140 -9.29 8.66 -12.38
C GLY A 140 -9.70 8.33 -10.96
N LEU A 141 -9.62 9.29 -10.04
CA LEU A 141 -10.11 9.06 -8.68
C LEU A 141 -11.57 9.42 -8.49
N MET A 142 -12.11 10.33 -9.32
CA MET A 142 -13.48 10.85 -9.20
C MET A 142 -14.52 9.85 -8.66
#